data_7TYP
#
_entry.id   7TYP
#
_cell.length_a   122.970
_cell.length_b   61.430
_cell.length_c   80.052
_cell.angle_alpha   90.000
_cell.angle_beta   117.178
_cell.angle_gamma   90.000
#
_symmetry.space_group_name_H-M   'C 1 2 1'
#
loop_
_entity.id
_entity.type
_entity.pdbx_description
1 polymer 'Transcriptional enhancer factor TEF-4'
2 non-polymer 2-AMINO-2-HYDROXYMETHYL-PROPANE-1,3-DIOL
3 non-polymer (8S)-5-(4-cyclohexylphenyl)-3-[3-(fluoromethyl)azetidine-1-carbonyl]-2-(3-methylpyrazin-2-yl)pyrazolo[1,5-a]pyrimidin-7(4H)-one
4 water water
#
_entity_poly.entity_id   1
_entity_poly.type   'polypeptide(L)'
_entity_poly.pdbx_seq_one_letter_code
;AWQARGLGTARLQLVEFSAFVEPPDAVDSYQRHLFVHISQHCPSPGAPPLESVDVRQIYDKFPEKKGGLRELYDRGPPHA
FFLVKFWADLNWGPSGEEAGAGGSISSGGFYGVSSQYESLEHMTLTCSSKVCSFGKQVVEKVETERAQLEDGRFVYRLLR
SPMCEYLVNFLHKLRQLPERYMMNSVLENFTILQVVTNRDTQELLLCTAYVFEVSTSERGAQHHIYRLVRD
;
_entity_poly.pdbx_strand_id   A,B
#
# COMPACT_ATOMS: atom_id res chain seq x y z
N ALA A 1 3.06 10.18 -33.43
CA ALA A 1 4.41 9.80 -33.84
C ALA A 1 5.16 9.15 -32.66
N TRP A 2 5.35 9.90 -31.58
CA TRP A 2 5.85 9.34 -30.33
C TRP A 2 4.73 9.21 -29.30
N GLN A 3 3.49 9.23 -29.76
CA GLN A 3 2.32 9.18 -28.91
C GLN A 3 1.87 7.74 -28.70
N ALA A 4 1.57 7.42 -27.44
CA ALA A 4 1.28 6.04 -27.06
C ALA A 4 0.08 5.50 -27.82
N ARG A 5 0.16 4.20 -28.17
CA ARG A 5 -0.94 3.44 -28.75
C ARG A 5 -1.64 2.53 -27.74
N GLY A 6 -1.14 2.44 -26.52
CA GLY A 6 -1.75 1.59 -25.51
C GLY A 6 -1.25 2.08 -24.18
N LEU A 7 -1.66 1.42 -23.11
CA LEU A 7 -1.31 1.89 -21.78
C LEU A 7 0.10 1.44 -21.46
N GLY A 8 1.03 2.36 -21.54
CA GLY A 8 2.42 2.05 -21.28
C GLY A 8 3.32 3.05 -21.95
N THR A 9 4.60 2.89 -21.67
CA THR A 9 5.66 3.59 -22.37
C THR A 9 6.60 2.57 -22.99
N ALA A 10 7.62 3.07 -23.68
CA ALA A 10 8.64 2.18 -24.21
C ALA A 10 9.39 1.47 -23.08
N ARG A 11 9.44 2.05 -21.89
CA ARG A 11 10.12 1.46 -20.73
C ARG A 11 9.28 0.44 -19.97
N LEU A 12 7.96 0.59 -19.94
CA LEU A 12 7.13 -0.28 -19.11
C LEU A 12 5.74 -0.32 -19.68
N GLN A 13 5.23 -1.50 -19.98
CA GLN A 13 3.89 -1.62 -20.53
C GLN A 13 3.05 -2.45 -19.57
N LEU A 14 1.79 -2.04 -19.41
CA LEU A 14 0.79 -2.89 -18.79
C LEU A 14 0.47 -4.02 -19.73
N VAL A 15 0.50 -5.23 -19.21
CA VAL A 15 0.04 -6.39 -19.95
C VAL A 15 -1.39 -6.73 -19.58
N GLU A 16 -1.69 -6.72 -18.28
CA GLU A 16 -3.01 -7.14 -17.86
C GLU A 16 -3.33 -6.58 -16.49
N PHE A 17 -4.57 -6.14 -16.33
CA PHE A 17 -5.09 -5.90 -15.00
C PHE A 17 -6.51 -6.44 -14.93
N SER A 18 -6.83 -7.15 -13.85
CA SER A 18 -8.20 -7.57 -13.64
CA SER A 18 -8.18 -7.65 -13.63
C SER A 18 -8.55 -7.54 -12.15
N ALA A 19 -9.80 -7.23 -11.89
CA ALA A 19 -10.41 -7.28 -10.58
C ALA A 19 -11.57 -8.26 -10.70
N PHE A 20 -11.63 -9.27 -9.82
CA PHE A 20 -12.53 -10.37 -10.11
C PHE A 20 -13.04 -11.04 -8.84
N VAL A 21 -14.03 -11.89 -9.02
CA VAL A 21 -14.47 -12.77 -7.95
C VAL A 21 -14.66 -14.17 -8.52
N GLU A 22 -14.16 -15.16 -7.80
CA GLU A 22 -14.40 -16.55 -8.13
C GLU A 22 -15.41 -17.10 -7.15
N PRO A 23 -16.58 -17.56 -7.60
CA PRO A 23 -17.59 -18.04 -6.66
C PRO A 23 -17.11 -19.28 -5.94
N PRO A 24 -17.71 -19.61 -4.80
CA PRO A 24 -17.31 -20.82 -4.06
C PRO A 24 -17.32 -22.08 -4.91
N ASP A 25 -18.30 -22.25 -5.79
CA ASP A 25 -18.29 -23.50 -6.55
C ASP A 25 -17.33 -23.46 -7.75
N ALA A 26 -16.45 -22.46 -7.83
CA ALA A 26 -15.39 -22.56 -8.83
C ALA A 26 -14.54 -23.82 -8.66
N VAL A 27 -14.51 -24.39 -7.46
CA VAL A 27 -13.75 -25.63 -7.26
C VAL A 27 -14.39 -26.77 -8.04
N ASP A 28 -15.71 -26.77 -8.16
CA ASP A 28 -16.37 -27.84 -8.90
C ASP A 28 -16.34 -27.61 -10.40
N SER A 29 -16.62 -26.38 -10.83
CA SER A 29 -16.53 -25.99 -12.24
C SER A 29 -15.99 -24.57 -12.27
N TYR A 30 -14.82 -24.37 -12.85
CA TYR A 30 -14.15 -23.10 -12.66
C TYR A 30 -14.88 -21.96 -13.38
N GLN A 31 -14.98 -20.82 -12.70
CA GLN A 31 -15.55 -19.64 -13.31
C GLN A 31 -15.12 -18.42 -12.52
N ARG A 32 -15.12 -17.28 -13.18
CA ARG A 32 -14.82 -16.04 -12.47
CA ARG A 32 -14.83 -16.05 -12.47
C ARG A 32 -15.53 -14.89 -13.17
N HIS A 33 -15.95 -13.94 -12.36
CA HIS A 33 -16.59 -12.75 -12.83
C HIS A 33 -15.59 -11.61 -12.80
N LEU A 34 -15.42 -10.93 -13.93
CA LEU A 34 -14.52 -9.78 -14.02
CA LEU A 34 -14.52 -9.78 -14.02
C LEU A 34 -15.30 -8.49 -13.79
N PHE A 35 -14.99 -7.78 -12.70
CA PHE A 35 -15.60 -6.47 -12.47
C PHE A 35 -15.08 -5.44 -13.46
N VAL A 36 -13.75 -5.40 -13.62
CA VAL A 36 -13.05 -4.58 -14.59
C VAL A 36 -11.84 -5.37 -15.07
N HIS A 37 -11.38 -5.04 -16.28
CA HIS A 37 -10.33 -5.81 -16.93
C HIS A 37 -9.70 -4.97 -18.01
N ILE A 38 -8.38 -5.05 -18.09
CA ILE A 38 -7.62 -4.52 -19.20
C ILE A 38 -6.69 -5.60 -19.63
N SER A 39 -6.65 -5.89 -20.91
CA SER A 39 -5.75 -6.88 -21.46
C SER A 39 -5.11 -6.29 -22.70
N GLN A 40 -3.78 -6.22 -22.70
CA GLN A 40 -3.05 -5.76 -23.88
C GLN A 40 -2.13 -6.86 -24.40
N HIS A 41 -2.60 -8.11 -24.27
CA HIS A 41 -1.82 -9.28 -24.69
C HIS A 41 -1.58 -9.27 -26.20
N CYS A 42 -2.63 -9.05 -27.00
CA CYS A 42 -2.53 -9.12 -28.46
C CYS A 42 -2.95 -7.78 -29.07
N PRO A 43 -1.98 -6.89 -29.41
CA PRO A 43 -2.27 -5.60 -30.05
C PRO A 43 -2.90 -5.74 -31.44
N PRO A 49 -3.05 5.91 -32.39
CA PRO A 49 -2.69 6.76 -31.24
C PRO A 49 -3.91 6.97 -30.38
N LEU A 50 -3.77 6.76 -29.09
CA LEU A 50 -4.89 6.94 -28.19
C LEU A 50 -5.39 8.39 -28.27
N GLU A 51 -6.68 8.57 -28.01
CA GLU A 51 -7.20 9.91 -27.87
C GLU A 51 -6.71 10.52 -26.57
N SER A 52 -6.82 11.84 -26.47
CA SER A 52 -6.20 12.54 -25.37
C SER A 52 -7.24 13.30 -24.55
N VAL A 53 -6.87 13.57 -23.32
CA VAL A 53 -7.66 14.37 -22.38
CA VAL A 53 -7.67 14.38 -22.41
C VAL A 53 -6.74 15.35 -21.69
N ASP A 54 -7.21 16.58 -21.50
CA ASP A 54 -6.39 17.58 -20.83
C ASP A 54 -6.41 17.32 -19.33
N VAL A 55 -5.23 17.12 -18.75
CA VAL A 55 -5.12 16.74 -17.34
C VAL A 55 -5.82 17.75 -16.44
N ARG A 56 -5.89 19.01 -16.88
CA ARG A 56 -6.49 20.04 -16.04
C ARG A 56 -7.93 19.69 -15.70
N GLN A 57 -8.65 19.06 -16.63
CA GLN A 57 -10.05 18.75 -16.39
C GLN A 57 -10.26 17.67 -15.33
N ILE A 58 -9.24 16.89 -14.98
CA ILE A 58 -9.41 15.83 -13.99
C ILE A 58 -8.68 16.12 -12.69
N TYR A 59 -8.04 17.28 -12.56
CA TYR A 59 -7.32 17.62 -11.33
C TYR A 59 -8.18 17.42 -10.09
N ASP A 60 -9.44 17.90 -10.13
CA ASP A 60 -10.28 17.92 -8.93
C ASP A 60 -10.85 16.55 -8.57
N LYS A 61 -10.56 15.51 -9.34
CA LYS A 61 -10.99 14.17 -8.97
C LYS A 61 -9.94 13.44 -8.15
N PHE A 62 -8.81 14.07 -7.88
CA PHE A 62 -7.72 13.48 -7.13
C PHE A 62 -7.19 14.51 -6.14
N PRO A 63 -6.39 14.06 -5.17
CA PRO A 63 -5.87 15.01 -4.17
C PRO A 63 -5.03 16.09 -4.82
N GLU A 64 -4.91 17.22 -4.11
CA GLU A 64 -4.38 18.44 -4.70
C GLU A 64 -3.04 18.88 -4.15
N LYS A 65 -2.42 18.10 -3.25
CA LYS A 65 -1.07 18.43 -2.81
C LYS A 65 -0.31 17.17 -2.41
N LYS A 66 1.02 17.25 -2.53
CA LYS A 66 1.95 16.26 -1.98
C LYS A 66 1.64 14.85 -2.49
N GLY A 67 1.97 14.65 -3.76
CA GLY A 67 1.56 13.46 -4.46
C GLY A 67 0.27 13.60 -5.23
N GLY A 68 -0.27 14.81 -5.31
CA GLY A 68 -1.43 15.06 -6.14
C GLY A 68 -1.09 14.87 -7.60
N LEU A 69 -2.13 14.87 -8.42
CA LEU A 69 -1.91 14.64 -9.84
C LEU A 69 -1.15 15.79 -10.47
N ARG A 70 -1.48 17.03 -10.10
CA ARG A 70 -0.78 18.18 -10.70
C ARG A 70 0.69 18.17 -10.32
N GLU A 71 1.01 17.86 -9.06
CA GLU A 71 2.42 17.83 -8.65
C GLU A 71 3.14 16.68 -9.33
N LEU A 72 2.49 15.52 -9.47
CA LEU A 72 3.09 14.42 -10.20
C LEU A 72 3.33 14.78 -11.65
N TYR A 73 2.29 15.30 -12.32
CA TYR A 73 2.42 15.63 -13.73
C TYR A 73 3.50 16.68 -13.92
N ASP A 74 3.62 17.62 -12.98
CA ASP A 74 4.68 18.62 -13.06
C ASP A 74 6.06 17.98 -13.04
N ARG A 75 6.27 16.98 -12.18
CA ARG A 75 7.57 16.31 -12.15
C ARG A 75 7.83 15.52 -13.43
N GLY A 76 6.81 14.89 -14.01
CA GLY A 76 6.96 14.22 -15.28
C GLY A 76 7.49 12.81 -15.13
N PRO A 77 7.80 12.16 -16.26
CA PRO A 77 7.67 12.71 -17.61
C PRO A 77 6.23 12.68 -18.12
N PRO A 78 5.81 13.71 -18.84
CA PRO A 78 4.40 13.79 -19.28
C PRO A 78 3.90 12.62 -20.10
N HIS A 79 4.78 11.94 -20.84
CA HIS A 79 4.28 10.85 -21.68
C HIS A 79 3.90 9.62 -20.89
N ALA A 80 4.14 9.60 -19.57
CA ALA A 80 3.82 8.42 -18.76
C ALA A 80 2.45 8.48 -18.13
N PHE A 81 1.62 9.48 -18.45
CA PHE A 81 0.34 9.69 -17.75
C PHE A 81 -0.86 9.30 -18.62
N PHE A 82 -1.79 8.56 -18.03
CA PHE A 82 -2.93 7.99 -18.74
C PHE A 82 -4.15 8.12 -17.87
N LEU A 83 -5.30 8.15 -18.51
CA LEU A 83 -6.60 8.08 -17.87
C LEU A 83 -7.34 6.87 -18.43
N VAL A 84 -7.86 6.05 -17.56
CA VAL A 84 -8.63 4.88 -17.97
C VAL A 84 -10.04 5.06 -17.45
N LYS A 85 -11.01 5.03 -18.36
CA LYS A 85 -12.42 4.96 -17.99
C LYS A 85 -12.85 3.50 -18.01
N PHE A 86 -13.40 3.02 -16.91
CA PHE A 86 -13.96 1.69 -16.81
C PHE A 86 -15.48 1.77 -16.80
N TRP A 87 -16.12 0.86 -17.53
CA TRP A 87 -17.53 0.53 -17.32
C TRP A 87 -17.51 -0.79 -16.55
N ALA A 88 -17.84 -0.75 -15.27
CA ALA A 88 -17.69 -1.92 -14.40
C ALA A 88 -18.90 -2.86 -14.52
N ASP A 89 -18.62 -4.16 -14.54
CA ASP A 89 -19.69 -5.17 -14.61
C ASP A 89 -20.09 -5.55 -13.19
N LEU A 90 -21.19 -4.98 -12.70
CA LEU A 90 -21.63 -5.30 -11.34
C LEU A 90 -22.79 -6.25 -11.32
N ASN A 91 -23.00 -7.02 -12.38
CA ASN A 91 -24.09 -7.99 -12.46
C ASN A 91 -23.44 -9.36 -12.26
N TRP A 92 -23.39 -9.80 -10.99
CA TRP A 92 -22.89 -11.12 -10.66
C TRP A 92 -23.68 -11.66 -9.47
N GLY A 93 -23.60 -12.98 -9.28
CA GLY A 93 -24.22 -13.65 -8.14
C GLY A 93 -25.61 -14.20 -8.37
N GLY A 109 -17.39 -15.65 -2.13
CA GLY A 109 -16.26 -16.15 -2.88
C GLY A 109 -14.92 -15.46 -2.63
N PHE A 110 -13.96 -15.71 -3.50
CA PHE A 110 -12.64 -15.11 -3.39
C PHE A 110 -12.56 -13.87 -4.28
N TYR A 111 -12.35 -12.70 -3.67
CA TYR A 111 -12.21 -11.43 -4.40
C TYR A 111 -10.73 -11.15 -4.58
N GLY A 112 -10.31 -10.98 -5.83
CA GLY A 112 -8.89 -10.94 -6.13
C GLY A 112 -8.61 -9.88 -7.18
N VAL A 113 -7.33 -9.57 -7.33
N VAL A 113 -7.33 -9.56 -7.31
CA VAL A 113 -6.88 -8.64 -8.35
CA VAL A 113 -6.86 -8.66 -8.35
C VAL A 113 -5.54 -9.13 -8.86
C VAL A 113 -5.57 -9.25 -8.88
N SER A 114 -5.32 -9.03 -10.16
CA SER A 114 -4.09 -9.53 -10.77
C SER A 114 -3.56 -8.44 -11.69
N SER A 115 -2.23 -8.26 -11.69
CA SER A 115 -1.62 -7.29 -12.60
CA SER A 115 -1.59 -7.26 -12.55
C SER A 115 -0.34 -7.86 -13.16
N GLN A 116 -0.02 -7.48 -14.39
CA GLN A 116 1.20 -7.91 -15.03
C GLN A 116 1.76 -6.78 -15.90
N TYR A 117 3.07 -6.55 -15.79
CA TYR A 117 3.77 -5.55 -16.57
C TYR A 117 4.97 -6.19 -17.26
N GLU A 118 5.45 -5.54 -18.32
CA GLU A 118 6.61 -6.02 -19.06
C GLU A 118 7.54 -4.87 -19.39
N SER A 119 8.82 -5.16 -19.52
N SER A 119 8.82 -5.18 -19.55
CA SER A 119 9.78 -4.16 -19.96
CA SER A 119 9.83 -4.18 -19.86
C SER A 119 10.97 -4.88 -20.56
C SER A 119 11.03 -4.87 -20.47
N LEU A 120 11.80 -4.11 -21.25
CA LEU A 120 13.06 -4.64 -21.77
C LEU A 120 14.19 -4.44 -20.79
N GLU A 121 13.94 -3.66 -19.75
CA GLU A 121 14.92 -3.27 -18.76
C GLU A 121 14.64 -4.04 -17.48
N HIS A 122 15.71 -4.45 -16.80
CA HIS A 122 15.59 -5.09 -15.50
C HIS A 122 15.50 -3.99 -14.42
N MET A 123 14.40 -3.97 -13.68
CA MET A 123 14.13 -2.94 -12.70
C MET A 123 13.45 -3.58 -11.50
N THR A 124 13.43 -2.86 -10.38
CA THR A 124 12.57 -3.21 -9.25
C THR A 124 11.50 -2.12 -9.21
N LEU A 125 10.23 -2.53 -9.24
CA LEU A 125 9.13 -1.57 -9.30
C LEU A 125 8.49 -1.39 -7.93
N THR A 126 8.03 -0.18 -7.68
CA THR A 126 7.10 0.09 -6.60
C THR A 126 5.78 0.44 -7.24
N CYS A 127 4.72 -0.30 -6.91
CA CYS A 127 3.38 -0.07 -7.44
C CYS A 127 2.49 0.42 -6.32
N SER A 128 1.96 1.64 -6.46
CA SER A 128 1.08 2.24 -5.48
C SER A 128 -0.28 2.54 -6.09
N SER A 129 -1.36 2.17 -5.38
CA SER A 129 -2.74 2.44 -5.76
C SER A 129 -3.35 3.28 -4.66
N LYS A 130 -3.85 4.46 -5.00
CA LYS A 130 -4.47 5.36 -4.02
CA LYS A 130 -4.48 5.34 -4.02
C LYS A 130 -5.96 5.46 -4.34
N VAL A 131 -6.79 5.00 -3.44
CA VAL A 131 -8.23 5.06 -3.63
C VAL A 131 -8.72 6.37 -3.03
N CYS A 132 -9.51 7.10 -3.80
CA CYS A 132 -9.95 8.45 -3.44
C CYS A 132 -11.46 8.51 -3.45
N SER A 133 -12.02 9.22 -2.47
CA SER A 133 -13.46 9.44 -2.38
C SER A 133 -13.67 10.94 -2.30
N PHE A 134 -14.47 11.47 -3.22
CA PHE A 134 -14.67 12.91 -3.34
C PHE A 134 -13.34 13.63 -3.47
N GLY A 135 -12.41 13.00 -4.20
CA GLY A 135 -11.09 13.58 -4.46
C GLY A 135 -10.09 13.54 -3.31
N LYS A 136 -10.40 12.86 -2.21
CA LYS A 136 -9.48 12.76 -1.07
C LYS A 136 -9.08 11.31 -0.86
N GLN A 137 -7.83 11.08 -0.45
CA GLN A 137 -7.34 9.72 -0.30
C GLN A 137 -8.02 9.03 0.87
N VAL A 138 -8.47 7.78 0.66
CA VAL A 138 -9.14 6.98 1.68
CA VAL A 138 -9.11 7.01 1.72
C VAL A 138 -8.32 5.76 2.06
N VAL A 139 -7.69 5.11 1.08
CA VAL A 139 -6.80 3.98 1.33
CA VAL A 139 -6.81 3.98 1.33
C VAL A 139 -5.70 3.98 0.28
N GLU A 140 -4.56 3.41 0.63
CA GLU A 140 -3.45 3.26 -0.30
C GLU A 140 -2.82 1.90 -0.12
N LYS A 141 -2.41 1.26 -1.21
CA LYS A 141 -1.71 -0.02 -1.18
C LYS A 141 -0.43 0.09 -1.98
N VAL A 142 0.68 -0.41 -1.45
CA VAL A 142 1.99 -0.24 -2.09
C VAL A 142 2.68 -1.59 -2.05
N GLU A 143 3.21 -2.05 -3.17
CA GLU A 143 4.00 -3.26 -3.16
C GLU A 143 5.15 -3.07 -4.12
N THR A 144 6.27 -3.74 -3.83
CA THR A 144 7.42 -3.76 -4.73
C THR A 144 7.47 -5.07 -5.48
N GLU A 145 7.87 -5.04 -6.74
CA GLU A 145 7.90 -6.23 -7.56
C GLU A 145 9.23 -6.30 -8.26
N ARG A 146 9.91 -7.41 -8.10
CA ARG A 146 11.17 -7.67 -8.79
C ARG A 146 10.87 -8.37 -10.13
N ALA A 147 11.74 -8.15 -11.10
CA ALA A 147 11.55 -8.68 -12.44
C ALA A 147 11.87 -10.18 -12.50
N GLN A 148 11.23 -10.87 -13.43
CA GLN A 148 11.57 -12.21 -13.87
C GLN A 148 11.97 -12.17 -15.35
N LEU A 149 13.14 -12.70 -15.67
CA LEU A 149 13.65 -12.66 -17.04
C LEU A 149 13.05 -13.78 -17.86
N GLU A 150 12.30 -13.42 -18.91
CA GLU A 150 11.49 -14.37 -19.66
C GLU A 150 11.50 -14.01 -21.13
N ASP A 151 12.18 -14.83 -21.94
CA ASP A 151 12.13 -14.71 -23.39
C ASP A 151 12.65 -13.35 -23.87
N GLY A 152 13.81 -12.95 -23.33
CA GLY A 152 14.40 -11.67 -23.63
C GLY A 152 13.84 -10.49 -22.85
N ARG A 153 12.60 -10.56 -22.40
CA ARG A 153 11.94 -9.46 -21.73
C ARG A 153 11.76 -9.77 -20.25
N PHE A 154 11.65 -8.71 -19.45
CA PHE A 154 11.37 -8.83 -18.03
C PHE A 154 9.89 -8.69 -17.74
N VAL A 155 9.37 -9.56 -16.89
CA VAL A 155 7.96 -9.57 -16.55
C VAL A 155 7.80 -9.28 -15.06
N TYR A 156 6.74 -8.57 -14.70
CA TYR A 156 6.46 -8.19 -13.31
C TYR A 156 5.05 -8.66 -13.03
N ARG A 157 4.90 -9.70 -12.21
CA ARG A 157 3.61 -10.31 -11.97
C ARG A 157 3.18 -10.14 -10.53
N LEU A 158 1.96 -9.68 -10.32
CA LEU A 158 1.35 -9.72 -9.00
C LEU A 158 -0.04 -10.36 -9.15
N LEU A 159 -0.09 -11.68 -9.11
CA LEU A 159 -1.33 -12.39 -9.44
C LEU A 159 -2.08 -12.82 -8.19
N ARG A 160 -3.41 -12.79 -8.29
CA ARG A 160 -4.30 -13.34 -7.29
C ARG A 160 -4.03 -12.69 -5.94
N SER A 161 -3.69 -11.41 -5.94
CA SER A 161 -3.67 -10.66 -4.69
C SER A 161 -5.08 -10.58 -4.10
N PRO A 162 -5.24 -10.83 -2.80
CA PRO A 162 -6.58 -10.65 -2.19
C PRO A 162 -7.02 -9.21 -2.32
N MET A 163 -8.27 -9.02 -2.70
CA MET A 163 -8.77 -7.67 -2.88
C MET A 163 -8.79 -6.94 -1.53
N CYS A 164 -8.43 -5.68 -1.53
CA CYS A 164 -8.46 -4.96 -0.26
CA CYS A 164 -8.47 -4.90 -0.29
C CYS A 164 -9.90 -4.89 0.26
N GLU A 165 -10.02 -5.07 1.58
CA GLU A 165 -11.35 -5.18 2.18
C GLU A 165 -12.19 -3.94 1.98
N TYR A 166 -11.57 -2.76 1.93
CA TYR A 166 -12.35 -1.56 1.66
C TYR A 166 -13.16 -1.69 0.36
N LEU A 167 -12.53 -2.21 -0.70
CA LEU A 167 -13.25 -2.32 -1.96
C LEU A 167 -14.14 -3.56 -2.07
N VAL A 168 -13.78 -4.66 -1.42
CA VAL A 168 -14.75 -5.76 -1.32
C VAL A 168 -16.04 -5.26 -0.67
N ASN A 169 -15.91 -4.52 0.44
CA ASN A 169 -17.08 -3.96 1.12
CA ASN A 169 -17.10 -3.98 1.10
C ASN A 169 -17.84 -2.98 0.22
N PHE A 170 -17.11 -2.09 -0.47
CA PHE A 170 -17.70 -1.14 -1.39
C PHE A 170 -18.49 -1.84 -2.51
N LEU A 171 -17.90 -2.88 -3.11
CA LEU A 171 -18.59 -3.68 -4.14
C LEU A 171 -19.90 -4.22 -3.61
N HIS A 172 -19.90 -4.73 -2.37
CA HIS A 172 -21.14 -5.28 -1.83
C HIS A 172 -22.17 -4.19 -1.56
N LYS A 173 -21.72 -3.02 -1.11
CA LYS A 173 -22.63 -1.89 -0.93
C LYS A 173 -23.23 -1.45 -2.25
N LEU A 174 -22.40 -1.32 -3.30
CA LEU A 174 -22.88 -0.89 -4.61
C LEU A 174 -23.91 -1.86 -5.17
N ARG A 175 -23.64 -3.15 -5.05
CA ARG A 175 -24.52 -4.18 -5.61
C ARG A 175 -25.94 -4.07 -5.07
N GLN A 176 -26.10 -3.53 -3.88
CA GLN A 176 -27.43 -3.48 -3.30
C GLN A 176 -28.15 -2.18 -3.58
N LEU A 177 -27.55 -1.22 -4.29
CA LEU A 177 -28.28 -0.01 -4.63
C LEU A 177 -29.42 -0.35 -5.60
N PRO A 178 -30.57 0.31 -5.47
CA PRO A 178 -31.75 -0.12 -6.25
C PRO A 178 -31.79 0.36 -7.69
N GLU A 179 -30.89 1.24 -8.11
CA GLU A 179 -31.00 1.92 -9.39
C GLU A 179 -29.62 2.09 -9.98
N ARG A 180 -29.49 1.80 -11.29
CA ARG A 180 -28.23 2.03 -11.95
C ARG A 180 -27.78 3.49 -11.82
N TYR A 181 -28.73 4.43 -11.88
CA TYR A 181 -28.28 5.82 -11.86
C TYR A 181 -27.73 6.19 -10.50
N MET A 182 -28.23 5.57 -9.43
CA MET A 182 -27.63 5.77 -8.11
C MET A 182 -26.23 5.20 -8.03
N MET A 183 -26.00 4.04 -8.65
CA MET A 183 -24.65 3.49 -8.68
C MET A 183 -23.71 4.46 -9.34
N ASN A 184 -24.13 5.04 -10.47
CA ASN A 184 -23.25 5.95 -11.21
C ASN A 184 -23.06 7.24 -10.43
N SER A 185 -24.08 7.68 -9.70
CA SER A 185 -23.93 8.83 -8.81
CA SER A 185 -23.90 8.84 -8.85
C SER A 185 -22.84 8.58 -7.79
N VAL A 186 -22.86 7.39 -7.19
CA VAL A 186 -21.84 7.07 -6.20
C VAL A 186 -20.46 7.00 -6.85
N LEU A 187 -20.36 6.31 -7.99
CA LEU A 187 -19.04 6.12 -8.60
C LEU A 187 -18.49 7.41 -9.20
N GLU A 188 -19.33 8.43 -9.41
CA GLU A 188 -18.84 9.70 -9.93
C GLU A 188 -17.77 10.29 -9.02
N ASN A 189 -17.83 9.98 -7.72
CA ASN A 189 -16.96 10.55 -6.72
C ASN A 189 -15.90 9.58 -6.24
N PHE A 190 -15.69 8.51 -7.00
CA PHE A 190 -14.74 7.46 -6.65
C PHE A 190 -13.68 7.34 -7.73
N THR A 191 -12.41 7.45 -7.35
CA THR A 191 -11.34 7.30 -8.35
C THR A 191 -10.17 6.56 -7.72
N ILE A 192 -9.26 6.07 -8.57
CA ILE A 192 -8.05 5.41 -8.13
C ILE A 192 -6.88 5.97 -8.90
N LEU A 193 -5.83 6.34 -8.20
CA LEU A 193 -4.60 6.84 -8.81
C LEU A 193 -3.52 5.80 -8.62
N GLN A 194 -2.96 5.32 -9.72
N GLN A 194 -2.94 5.34 -9.74
CA GLN A 194 -1.91 4.31 -9.67
CA GLN A 194 -1.92 4.31 -9.73
C GLN A 194 -0.61 4.95 -10.12
C GLN A 194 -0.60 4.93 -10.15
N VAL A 195 0.44 4.72 -9.37
CA VAL A 195 1.77 5.24 -9.68
C VAL A 195 2.77 4.11 -9.59
N VAL A 196 3.48 3.86 -10.69
CA VAL A 196 4.53 2.85 -10.76
C VAL A 196 5.85 3.60 -10.88
N THR A 197 6.76 3.38 -9.94
CA THR A 197 8.05 4.04 -9.89
C THR A 197 9.19 3.03 -9.92
N ASN A 198 10.33 3.48 -10.46
CA ASN A 198 11.54 2.69 -10.32
C ASN A 198 11.97 2.77 -8.86
N ARG A 199 11.96 1.63 -8.16
CA ARG A 199 12.26 1.68 -6.72
C ARG A 199 13.66 2.21 -6.44
N ASP A 200 14.58 2.04 -7.38
CA ASP A 200 15.96 2.41 -7.07
C ASP A 200 16.25 3.88 -7.39
N THR A 201 15.67 4.41 -8.46
CA THR A 201 15.93 5.80 -8.85
C THR A 201 14.81 6.74 -8.44
N GLN A 202 13.65 6.24 -8.03
CA GLN A 202 12.48 7.05 -7.70
CA GLN A 202 12.48 7.06 -7.71
C GLN A 202 11.87 7.73 -8.92
N GLU A 203 12.31 7.37 -10.12
CA GLU A 203 11.72 7.93 -11.33
C GLU A 203 10.35 7.34 -11.56
N LEU A 204 9.42 8.19 -11.97
CA LEU A 204 8.10 7.69 -12.31
C LEU A 204 8.15 6.97 -13.66
N LEU A 205 7.51 5.80 -13.74
CA LEU A 205 7.43 5.06 -14.99
C LEU A 205 6.05 5.10 -15.61
N LEU A 206 5.01 5.07 -14.80
CA LEU A 206 3.67 5.06 -15.34
C LEU A 206 2.77 5.65 -14.28
N CYS A 207 1.82 6.47 -14.71
CA CYS A 207 0.82 6.98 -13.78
C CYS A 207 -0.52 6.88 -14.48
N THR A 208 -1.49 6.27 -13.83
CA THR A 208 -2.79 6.09 -14.46
C THR A 208 -3.88 6.54 -13.52
N ALA A 209 -4.73 7.42 -14.00
CA ALA A 209 -5.93 7.82 -13.28
C ALA A 209 -7.09 6.96 -13.74
N TYR A 210 -7.78 6.30 -12.80
CA TYR A 210 -8.91 5.43 -13.12
C TYR A 210 -10.21 6.07 -12.67
N VAL A 211 -11.20 6.16 -13.57
CA VAL A 211 -12.54 6.65 -13.24
C VAL A 211 -13.53 5.57 -13.67
N PHE A 212 -14.74 5.62 -13.11
CA PHE A 212 -15.62 4.44 -13.11
C PHE A 212 -17.06 4.83 -13.37
N GLU A 213 -17.72 4.00 -14.16
CA GLU A 213 -19.16 3.99 -14.37
C GLU A 213 -19.61 2.55 -14.27
N VAL A 214 -20.91 2.31 -14.10
CA VAL A 214 -21.43 0.94 -14.08
CA VAL A 214 -21.43 0.95 -14.08
C VAL A 214 -21.93 0.61 -15.47
N SER A 215 -21.54 -0.55 -15.96
CA SER A 215 -22.09 -1.01 -17.24
C SER A 215 -23.57 -1.37 -17.10
N THR A 216 -24.27 -1.35 -18.25
CA THR A 216 -25.70 -1.79 -18.29
C THR A 216 -25.70 -3.26 -17.86
N SER A 217 -26.75 -3.71 -17.17
CA SER A 217 -26.68 -5.07 -16.62
C SER A 217 -26.46 -6.15 -17.68
N GLU A 218 -26.82 -5.89 -18.96
CA GLU A 218 -26.62 -6.88 -20.02
C GLU A 218 -25.21 -6.90 -20.63
N ARG A 219 -24.40 -5.86 -20.42
CA ARG A 219 -23.09 -5.70 -21.06
C ARG A 219 -21.98 -5.94 -20.05
N GLY A 220 -20.98 -6.71 -20.46
CA GLY A 220 -19.82 -6.90 -19.61
C GLY A 220 -18.92 -5.67 -19.57
N ALA A 221 -17.79 -5.83 -18.85
CA ALA A 221 -16.85 -4.75 -18.59
C ALA A 221 -16.15 -4.27 -19.85
N GLN A 222 -15.87 -2.98 -19.89
CA GLN A 222 -15.15 -2.37 -21.00
C GLN A 222 -14.32 -1.22 -20.44
N HIS A 223 -13.39 -0.75 -21.25
CA HIS A 223 -12.53 0.33 -20.81
C HIS A 223 -12.20 1.18 -22.04
N HIS A 224 -11.76 2.41 -21.78
CA HIS A 224 -11.33 3.33 -22.82
C HIS A 224 -10.11 4.02 -22.24
N ILE A 225 -8.95 3.95 -22.94
CA ILE A 225 -7.70 4.53 -22.46
C ILE A 225 -7.43 5.85 -23.17
N TYR A 226 -7.02 6.85 -22.41
CA TYR A 226 -6.66 8.16 -22.96
C TYR A 226 -5.24 8.54 -22.54
N ARG A 227 -4.53 9.24 -23.42
CA ARG A 227 -3.33 9.98 -23.02
C ARG A 227 -3.73 11.25 -22.27
N LEU A 228 -3.01 11.57 -21.20
CA LEU A 228 -3.23 12.83 -20.48
C LEU A 228 -2.22 13.87 -20.95
N VAL A 229 -2.73 15.03 -21.38
CA VAL A 229 -1.90 16.09 -21.95
C VAL A 229 -2.15 17.38 -21.19
N ARG A 230 -1.21 18.31 -21.31
CA ARG A 230 -1.38 19.64 -20.74
C ARG A 230 -0.73 20.68 -21.62
N GLY B 6 16.03 -7.95 23.19
CA GLY B 6 15.57 -6.93 22.26
C GLY B 6 14.27 -7.29 21.54
N LEU B 7 14.01 -6.60 20.44
CA LEU B 7 12.80 -6.84 19.65
CA LEU B 7 12.81 -6.83 19.66
C LEU B 7 13.13 -7.95 18.66
N GLY B 8 12.69 -9.17 18.98
CA GLY B 8 12.93 -10.29 18.09
C GLY B 8 12.80 -11.61 18.81
N THR B 9 13.03 -12.68 18.05
CA THR B 9 13.05 -14.06 18.51
C THR B 9 14.43 -14.66 18.24
N ALA B 10 14.56 -15.94 18.49
CA ALA B 10 15.80 -16.63 18.14
C ALA B 10 16.05 -16.61 16.64
N ARG B 11 15.00 -16.43 15.84
CA ARG B 11 15.13 -16.55 14.39
C ARG B 11 15.37 -15.23 13.69
N LEU B 12 14.83 -14.13 14.20
CA LEU B 12 14.91 -12.85 13.55
C LEU B 12 14.91 -11.76 14.59
N GLN B 13 15.76 -10.75 14.41
CA GLN B 13 15.80 -9.61 15.33
C GLN B 13 15.70 -8.31 14.58
N LEU B 14 14.86 -7.39 15.06
CA LEU B 14 14.87 -6.03 14.51
C LEU B 14 16.00 -5.29 15.18
N VAL B 15 17.01 -4.94 14.39
CA VAL B 15 18.22 -4.31 14.91
C VAL B 15 18.13 -2.79 14.85
N GLU B 16 17.56 -2.23 13.79
CA GLU B 16 17.47 -0.78 13.68
C GLU B 16 16.24 -0.36 12.88
N PHE B 17 15.61 0.73 13.30
CA PHE B 17 14.51 1.32 12.56
C PHE B 17 14.57 2.82 12.78
N SER B 18 14.34 3.57 11.72
CA SER B 18 14.11 4.99 11.94
C SER B 18 13.25 5.59 10.84
N ALA B 19 12.56 6.65 11.21
CA ALA B 19 11.81 7.51 10.30
C ALA B 19 12.42 8.89 10.43
N PHE B 20 12.77 9.51 9.31
CA PHE B 20 13.60 10.72 9.38
C PHE B 20 13.31 11.65 8.23
N VAL B 21 13.79 12.87 8.40
CA VAL B 21 13.84 13.87 7.32
C VAL B 21 15.26 14.39 7.24
N GLU B 22 15.74 14.55 5.99
CA GLU B 22 17.06 15.06 5.63
C GLU B 22 16.88 16.40 4.95
N PRO B 23 17.62 17.42 5.42
CA PRO B 23 17.47 18.80 4.95
C PRO B 23 17.68 19.05 3.46
N ARG B 32 20.54 14.94 9.61
CA ARG B 32 19.38 14.06 9.62
C ARG B 32 18.56 14.22 10.90
N HIS B 33 17.25 14.50 10.79
CA HIS B 33 16.38 14.56 11.96
C HIS B 33 15.55 13.28 12.09
N LEU B 34 15.65 12.61 13.24
CA LEU B 34 14.92 11.36 13.48
C LEU B 34 13.63 11.66 14.24
N PHE B 35 12.51 11.25 13.66
CA PHE B 35 11.24 11.41 14.35
C PHE B 35 11.06 10.35 15.43
N VAL B 36 11.29 9.09 15.04
CA VAL B 36 11.31 7.93 15.93
C VAL B 36 12.49 7.06 15.51
N HIS B 37 12.97 6.23 16.43
CA HIS B 37 14.25 5.56 16.20
C HIS B 37 14.34 4.38 17.14
N ILE B 38 14.76 3.21 16.62
CA ILE B 38 15.26 2.11 17.43
C ILE B 38 16.66 1.80 16.93
N SER B 39 17.64 1.83 17.81
CA SER B 39 19.02 1.69 17.37
C SER B 39 19.72 0.51 18.05
N GLN B 40 20.87 0.15 17.47
CA GLN B 40 21.76 -0.95 17.89
C GLN B 40 21.49 -1.54 19.27
N PRO B 48 19.23 -6.35 31.06
CA PRO B 48 17.92 -5.71 31.29
C PRO B 48 16.83 -6.30 30.39
N PRO B 49 15.97 -7.14 30.98
CA PRO B 49 14.95 -7.86 30.20
C PRO B 49 13.63 -7.11 30.03
N LEU B 50 12.91 -7.46 28.96
CA LEU B 50 11.71 -6.71 28.55
C LEU B 50 10.53 -6.96 29.48
N GLU B 51 9.75 -5.91 29.72
CA GLU B 51 8.48 -6.03 30.43
C GLU B 51 7.41 -6.64 29.52
N SER B 52 6.32 -7.09 30.10
CA SER B 52 5.21 -7.64 29.34
CA SER B 52 5.23 -7.63 29.31
C SER B 52 4.01 -6.72 29.37
N VAL B 53 3.14 -6.89 28.38
CA VAL B 53 1.85 -6.22 28.29
C VAL B 53 0.84 -7.26 27.86
N ASP B 54 -0.24 -7.43 28.63
CA ASP B 54 -1.26 -8.38 28.20
C ASP B 54 -1.95 -7.84 26.97
N VAL B 55 -1.98 -8.66 25.92
CA VAL B 55 -2.46 -8.19 24.58
C VAL B 55 -3.86 -7.62 24.73
N ARG B 56 -4.64 -8.16 25.67
CA ARG B 56 -5.99 -7.66 25.86
C ARG B 56 -6.01 -6.17 26.14
N GLN B 57 -4.99 -5.65 26.83
CA GLN B 57 -4.95 -4.22 27.13
C GLN B 57 -4.98 -3.35 25.88
N ILE B 58 -4.48 -3.84 24.74
CA ILE B 58 -4.37 -3.01 23.54
C ILE B 58 -5.32 -3.48 22.43
N TYR B 59 -6.24 -4.35 22.79
CA TYR B 59 -6.93 -5.06 21.68
C TYR B 59 -7.62 -4.19 20.64
N ASP B 60 -7.23 -4.48 19.39
CA ASP B 60 -7.96 -4.05 18.21
C ASP B 60 -7.99 -2.54 18.04
N LYS B 61 -6.85 -1.88 18.33
CA LYS B 61 -6.58 -0.57 17.77
CA LYS B 61 -6.65 -0.57 17.76
C LYS B 61 -6.15 -0.66 16.31
N PHE B 62 -6.46 -1.81 15.71
CA PHE B 62 -6.07 -2.25 14.39
C PHE B 62 -7.31 -2.91 13.80
N PRO B 63 -7.40 -3.06 12.47
CA PRO B 63 -8.66 -3.53 11.88
C PRO B 63 -9.05 -4.90 12.43
N GLU B 64 -10.32 -5.07 12.77
CA GLU B 64 -10.74 -6.32 13.38
C GLU B 64 -10.92 -7.39 12.32
N LYS B 65 -11.43 -8.56 12.72
CA LYS B 65 -11.69 -9.66 11.80
C LYS B 65 -10.42 -9.85 10.97
N LYS B 66 -10.49 -9.88 9.66
CA LYS B 66 -9.39 -10.37 8.85
C LYS B 66 -8.11 -9.65 9.18
N GLY B 67 -7.13 -10.40 9.66
CA GLY B 67 -5.77 -9.95 9.86
C GLY B 67 -5.54 -9.12 11.09
N GLY B 68 -6.60 -8.82 11.86
CA GLY B 68 -6.44 -8.01 13.04
C GLY B 68 -5.44 -8.60 14.01
N LEU B 69 -5.04 -7.78 14.99
CA LEU B 69 -4.07 -8.23 15.97
C LEU B 69 -4.58 -9.43 16.77
N ARG B 70 -5.87 -9.46 17.11
CA ARG B 70 -6.39 -10.60 17.87
C ARG B 70 -6.34 -11.89 17.06
N GLU B 71 -6.70 -11.81 15.79
CA GLU B 71 -6.67 -13.00 14.94
C GLU B 71 -5.24 -13.48 14.73
N LEU B 72 -4.33 -12.56 14.41
CA LEU B 72 -2.93 -12.96 14.25
C LEU B 72 -2.39 -13.59 15.52
N TYR B 73 -2.63 -12.94 16.67
CA TYR B 73 -2.10 -13.45 17.94
C TYR B 73 -2.68 -14.83 18.25
N ASP B 74 -3.96 -15.06 17.94
CA ASP B 74 -4.54 -16.38 18.20
C ASP B 74 -3.84 -17.47 17.40
N ARG B 75 -3.52 -17.20 16.13
CA ARG B 75 -2.85 -18.22 15.32
C ARG B 75 -1.38 -18.38 15.69
N GLY B 76 -0.77 -17.38 16.32
CA GLY B 76 0.52 -17.53 16.95
C GLY B 76 1.70 -17.44 16.00
N PRO B 77 2.90 -17.82 16.48
CA PRO B 77 3.22 -18.27 17.82
C PRO B 77 3.34 -17.06 18.74
N PRO B 78 2.92 -17.16 20.00
CA PRO B 78 2.85 -15.95 20.82
C PRO B 78 4.18 -15.26 21.10
N HIS B 79 5.32 -15.97 21.06
CA HIS B 79 6.59 -15.29 21.40
C HIS B 79 7.04 -14.32 20.32
N ALA B 80 6.37 -14.30 19.17
CA ALA B 80 6.77 -13.43 18.09
C ALA B 80 6.17 -12.03 18.18
N PHE B 81 5.35 -11.76 19.21
CA PHE B 81 4.52 -10.55 19.24
C PHE B 81 5.05 -9.54 20.25
N PHE B 82 5.15 -8.29 19.82
CA PHE B 82 5.73 -7.21 20.60
C PHE B 82 4.89 -5.96 20.45
N LEU B 83 4.98 -5.08 21.44
CA LEU B 83 4.42 -3.75 21.38
C LEU B 83 5.57 -2.77 21.57
N VAL B 84 5.59 -1.73 20.72
CA VAL B 84 6.58 -0.66 20.82
C VAL B 84 5.82 0.65 21.04
N LYS B 85 6.14 1.35 22.12
CA LYS B 85 5.62 2.69 22.34
C LYS B 85 6.70 3.70 21.97
N PHE B 86 6.35 4.63 21.09
CA PHE B 86 7.23 5.68 20.59
C PHE B 86 6.82 7.01 21.19
N TRP B 87 7.80 7.80 21.62
CA TRP B 87 7.62 9.23 21.88
C TRP B 87 8.44 9.95 20.79
N ALA B 88 7.71 10.56 19.85
CA ALA B 88 8.28 11.16 18.64
C ALA B 88 8.81 12.57 18.90
N ASP B 89 9.89 12.88 18.19
CA ASP B 89 10.49 14.21 18.22
C ASP B 89 9.98 14.94 16.98
N LEU B 90 9.05 15.88 17.15
CA LEU B 90 8.47 16.60 16.02
C LEU B 90 8.86 18.08 16.02
N ASN B 91 10.05 18.42 16.47
CA ASN B 91 10.52 19.80 16.44
C ASN B 91 11.75 19.85 15.53
N TRP B 92 11.55 20.31 14.29
CA TRP B 92 12.65 20.36 13.33
C TRP B 92 12.57 21.55 12.35
N GLY B 109 12.93 18.83 2.44
CA GLY B 109 13.80 17.73 2.84
C GLY B 109 13.39 16.42 2.24
N PHE B 110 14.22 15.38 2.36
CA PHE B 110 13.86 14.02 1.97
C PHE B 110 13.34 13.26 3.19
N TYR B 111 12.08 12.82 3.15
CA TYR B 111 11.47 11.99 4.20
C TYR B 111 11.68 10.52 3.90
N GLY B 112 12.24 9.79 4.86
CA GLY B 112 12.63 8.42 4.62
C GLY B 112 12.44 7.55 5.84
N VAL B 113 12.55 6.25 5.61
CA VAL B 113 12.64 5.27 6.68
C VAL B 113 13.75 4.29 6.34
N SER B 114 14.36 3.74 7.39
CA SER B 114 15.38 2.72 7.27
C SER B 114 15.05 1.63 8.25
N SER B 115 15.36 0.38 7.89
CA SER B 115 15.20 -0.70 8.83
C SER B 115 16.23 -1.77 8.55
N GLN B 116 16.59 -2.48 9.60
CA GLN B 116 17.55 -3.56 9.41
C GLN B 116 17.19 -4.67 10.38
N TYR B 117 17.11 -5.89 9.85
CA TYR B 117 16.93 -7.12 10.61
C TYR B 117 18.17 -8.00 10.47
N GLU B 118 18.29 -8.98 11.36
CA GLU B 118 19.39 -9.93 11.30
C GLU B 118 18.86 -11.32 11.65
N SER B 119 19.48 -12.35 11.09
CA SER B 119 19.14 -13.72 11.45
C SER B 119 20.40 -14.55 11.30
N LEU B 120 20.38 -15.73 11.94
CA LEU B 120 21.42 -16.72 11.73
C LEU B 120 21.11 -17.65 10.58
N GLU B 121 19.87 -17.65 10.09
CA GLU B 121 19.43 -18.53 9.00
C GLU B 121 19.18 -17.70 7.75
N HIS B 122 19.58 -18.24 6.61
CA HIS B 122 19.37 -17.56 5.34
C HIS B 122 17.90 -17.66 4.95
N MET B 123 17.24 -16.51 4.82
CA MET B 123 15.81 -16.46 4.54
C MET B 123 15.55 -15.36 3.52
N THR B 124 14.37 -15.42 2.91
CA THR B 124 13.74 -14.27 2.27
C THR B 124 12.54 -13.86 3.10
N LEU B 125 12.42 -12.55 3.38
CA LEU B 125 11.41 -12.01 4.28
C LEU B 125 10.36 -11.27 3.45
N THR B 126 9.09 -11.37 3.86
CA THR B 126 8.04 -10.45 3.43
C THR B 126 7.77 -9.53 4.61
N CYS B 127 7.87 -8.22 4.41
CA CYS B 127 7.69 -7.26 5.48
C CYS B 127 6.49 -6.44 5.11
N SER B 128 5.47 -6.42 5.97
CA SER B 128 4.23 -5.70 5.71
C SER B 128 3.97 -4.67 6.82
N SER B 129 3.64 -3.43 6.45
CA SER B 129 3.20 -2.43 7.42
C SER B 129 1.77 -2.07 7.09
N LYS B 130 0.90 -2.05 8.10
CA LYS B 130 -0.47 -1.57 7.92
C LYS B 130 -0.66 -0.39 8.86
N VAL B 131 -0.96 0.77 8.31
CA VAL B 131 -1.22 1.98 9.09
C VAL B 131 -2.72 2.09 9.27
N CYS B 132 -3.13 2.36 10.48
CA CYS B 132 -4.52 2.45 10.85
C CYS B 132 -4.78 3.79 11.49
N SER B 133 -5.89 4.39 11.10
CA SER B 133 -6.44 5.60 11.69
CA SER B 133 -6.43 5.60 11.71
C SER B 133 -7.84 5.27 12.18
N PHE B 134 -8.12 5.45 13.46
CA PHE B 134 -9.39 5.02 14.02
C PHE B 134 -9.67 3.55 13.70
N GLY B 135 -8.65 2.71 13.88
CA GLY B 135 -8.79 1.30 13.61
C GLY B 135 -9.04 0.92 12.15
N LYS B 136 -9.21 1.89 11.25
CA LYS B 136 -9.40 1.64 9.83
C LYS B 136 -8.04 1.69 9.12
N GLN B 137 -7.75 0.66 8.33
CA GLN B 137 -6.49 0.59 7.58
C GLN B 137 -6.42 1.64 6.48
N VAL B 138 -5.45 2.56 6.56
CA VAL B 138 -5.31 3.61 5.56
C VAL B 138 -4.13 3.39 4.64
N VAL B 139 -3.16 2.61 5.09
CA VAL B 139 -2.02 2.28 4.20
C VAL B 139 -1.65 0.82 4.43
N GLU B 140 -1.38 0.10 3.35
CA GLU B 140 -0.81 -1.26 3.43
C GLU B 140 0.43 -1.22 2.56
N LYS B 141 1.57 -1.63 3.09
CA LYS B 141 2.84 -1.54 2.33
C LYS B 141 3.56 -2.87 2.47
N VAL B 142 4.03 -3.44 1.36
CA VAL B 142 4.68 -4.74 1.40
C VAL B 142 6.00 -4.67 0.63
N GLU B 143 7.05 -5.24 1.21
CA GLU B 143 8.35 -5.30 0.54
C GLU B 143 8.93 -6.69 0.80
N THR B 144 9.76 -7.15 -0.13
CA THR B 144 10.42 -8.44 0.01
C THR B 144 11.91 -8.17 0.15
N GLU B 145 12.55 -8.87 1.09
CA GLU B 145 13.94 -8.56 1.44
C GLU B 145 14.75 -9.85 1.47
N ARG B 146 15.75 -9.94 0.60
CA ARG B 146 16.67 -11.05 0.52
C ARG B 146 17.82 -10.87 1.51
N ALA B 147 18.29 -11.99 2.05
CA ALA B 147 19.36 -11.94 3.04
C ALA B 147 20.66 -11.55 2.37
N GLN B 148 21.53 -10.88 3.13
CA GLN B 148 22.88 -10.56 2.69
C GLN B 148 23.85 -11.09 3.74
N LEU B 149 24.78 -11.93 3.32
CA LEU B 149 25.75 -12.45 4.27
C LEU B 149 26.70 -11.34 4.67
N GLU B 150 26.91 -11.16 5.97
CA GLU B 150 27.79 -10.10 6.45
C GLU B 150 28.27 -10.43 7.86
N ASP B 151 29.58 -10.41 8.04
CA ASP B 151 30.24 -10.68 9.32
C ASP B 151 29.60 -11.86 10.06
N GLY B 152 29.47 -12.98 9.35
CA GLY B 152 29.02 -14.25 9.92
C GLY B 152 27.55 -14.38 10.23
N ARG B 153 26.71 -13.45 9.77
CA ARG B 153 25.27 -13.50 10.01
C ARG B 153 24.57 -12.96 8.76
N PHE B 154 23.25 -13.01 8.76
CA PHE B 154 22.48 -12.50 7.63
C PHE B 154 21.82 -11.21 8.03
N VAL B 155 21.95 -10.20 7.18
CA VAL B 155 21.32 -8.91 7.43
C VAL B 155 20.33 -8.62 6.31
N TYR B 156 19.27 -7.93 6.69
CA TYR B 156 18.19 -7.59 5.78
C TYR B 156 18.08 -6.08 5.94
N ARG B 157 18.65 -5.34 4.98
CA ARG B 157 18.66 -3.87 5.09
C ARG B 157 17.78 -3.22 4.04
N LEU B 158 16.92 -2.31 4.48
CA LEU B 158 16.14 -1.45 3.56
C LEU B 158 16.45 -0.03 4.02
N LEU B 159 17.44 0.60 3.39
CA LEU B 159 17.89 1.93 3.85
C LEU B 159 17.36 3.07 2.97
N ARG B 160 17.10 4.20 3.60
CA ARG B 160 16.69 5.44 2.91
C ARG B 160 15.52 5.18 1.97
N SER B 161 14.53 4.41 2.40
CA SER B 161 13.35 4.22 1.57
C SER B 161 12.41 5.44 1.67
N PRO B 162 11.78 5.86 0.57
CA PRO B 162 10.95 7.07 0.63
C PRO B 162 9.73 6.86 1.51
N MET B 163 9.49 7.79 2.42
CA MET B 163 8.38 7.62 3.34
C MET B 163 7.06 7.75 2.58
N CYS B 164 6.08 6.94 2.94
CA CYS B 164 4.79 7.02 2.26
CA CYS B 164 4.82 7.03 2.21
C CYS B 164 4.25 8.45 2.30
N GLU B 165 3.77 8.94 1.17
CA GLU B 165 3.33 10.33 1.12
C GLU B 165 2.24 10.60 2.14
N TYR B 166 1.39 9.60 2.41
CA TYR B 166 0.32 9.79 3.37
C TYR B 166 0.88 10.19 4.73
N LEU B 167 2.01 9.58 5.12
CA LEU B 167 2.58 9.88 6.42
C LEU B 167 3.43 11.14 6.40
N VAL B 168 4.06 11.45 5.25
CA VAL B 168 4.66 12.77 5.04
C VAL B 168 3.63 13.87 5.25
N ASN B 169 2.46 13.73 4.63
CA ASN B 169 1.40 14.74 4.81
C ASN B 169 0.90 14.78 6.26
N PHE B 170 0.78 13.61 6.90
CA PHE B 170 0.35 13.57 8.30
C PHE B 170 1.35 14.29 9.20
N LEU B 171 2.64 14.11 8.96
CA LEU B 171 3.69 14.77 9.72
C LEU B 171 3.60 16.28 9.58
N HIS B 172 3.39 16.77 8.35
CA HIS B 172 3.30 18.21 8.14
C HIS B 172 2.11 18.81 8.83
N LYS B 173 1.01 18.06 8.91
CA LYS B 173 -0.16 18.56 9.64
C LYS B 173 0.06 18.54 11.14
N LEU B 174 0.61 17.45 11.66
CA LEU B 174 0.83 17.33 13.10
C LEU B 174 1.78 18.41 13.59
N ARG B 175 2.81 18.69 12.81
CA ARG B 175 3.77 19.72 13.16
C ARG B 175 3.14 21.09 13.33
N GLN B 176 1.99 21.34 12.68
CA GLN B 176 1.32 22.64 12.79
C GLN B 176 0.56 22.81 14.10
N LEU B 177 0.22 21.73 14.78
CA LEU B 177 -0.63 21.85 15.95
C LEU B 177 0.06 22.70 17.01
N PRO B 178 -0.68 23.58 17.71
CA PRO B 178 -0.04 24.50 18.66
C PRO B 178 0.29 23.90 20.02
N GLU B 179 -0.20 22.70 20.34
CA GLU B 179 -0.03 22.17 21.69
C GLU B 179 0.28 20.69 21.59
N ARG B 180 1.25 20.29 22.39
CA ARG B 180 1.55 18.83 22.44
CA ARG B 180 1.56 18.80 22.37
C ARG B 180 0.36 17.86 22.82
N TYR B 181 -0.48 18.45 23.70
CA TYR B 181 -1.66 17.66 24.07
C TYR B 181 -2.60 17.50 22.87
N MET B 182 -2.60 18.44 21.93
CA MET B 182 -3.43 18.23 20.75
C MET B 182 -2.80 17.18 19.82
N MET B 183 -1.47 17.19 19.65
CA MET B 183 -0.81 16.15 18.87
C MET B 183 -1.11 14.77 19.45
N ASN B 184 -1.10 14.66 20.77
CA ASN B 184 -1.33 13.36 21.39
C ASN B 184 -2.79 12.93 21.28
N SER B 185 -3.73 13.89 21.34
CA SER B 185 -5.14 13.60 21.03
C SER B 185 -5.29 13.02 19.63
N VAL B 186 -4.60 13.60 18.66
CA VAL B 186 -4.69 13.08 17.29
C VAL B 186 -4.04 11.69 17.18
N LEU B 187 -2.88 11.51 17.79
CA LEU B 187 -2.13 10.25 17.68
C LEU B 187 -2.76 9.10 18.47
N GLU B 188 -3.67 9.39 19.41
CA GLU B 188 -4.21 8.28 20.17
C GLU B 188 -5.05 7.36 19.30
N ASN B 189 -5.40 7.78 18.08
CA ASN B 189 -6.16 7.00 17.13
C ASN B 189 -5.32 6.47 15.98
N PHE B 190 -4.01 6.47 16.11
CA PHE B 190 -3.10 6.17 15.01
C PHE B 190 -2.19 5.00 15.42
N THR B 191 -2.12 3.96 14.61
CA THR B 191 -1.29 2.81 14.97
C THR B 191 -0.70 2.21 13.71
N ILE B 192 0.41 1.49 13.87
CA ILE B 192 0.97 0.71 12.78
C ILE B 192 1.16 -0.72 13.26
N LEU B 193 0.82 -1.68 12.40
CA LEU B 193 1.03 -3.11 12.66
C LEU B 193 1.99 -3.63 11.62
N GLN B 194 3.09 -4.20 12.06
CA GLN B 194 4.11 -4.73 11.17
CA GLN B 194 4.12 -4.73 11.18
C GLN B 194 4.14 -6.24 11.31
N VAL B 195 4.14 -6.95 10.20
CA VAL B 195 4.21 -8.40 10.19
C VAL B 195 5.35 -8.81 9.27
N VAL B 196 6.30 -9.58 9.80
CA VAL B 196 7.39 -10.11 9.01
C VAL B 196 7.22 -11.61 8.97
N THR B 197 7.12 -12.15 7.77
CA THR B 197 6.99 -13.56 7.51
C THR B 197 8.17 -14.08 6.69
N ASN B 198 8.50 -15.35 6.92
CA ASN B 198 9.40 -16.08 6.04
C ASN B 198 8.66 -16.38 4.75
N ARG B 199 9.14 -15.80 3.65
CA ARG B 199 8.37 -15.88 2.40
C ARG B 199 8.25 -17.32 1.91
N ASP B 200 9.31 -18.12 2.06
CA ASP B 200 9.33 -19.49 1.54
C ASP B 200 8.47 -20.44 2.36
N THR B 201 8.39 -20.26 3.68
CA THR B 201 7.61 -21.15 4.50
C THR B 201 6.28 -20.55 4.94
N GLN B 202 6.11 -19.23 4.82
CA GLN B 202 4.92 -18.52 5.26
C GLN B 202 4.82 -18.43 6.79
N GLU B 203 5.85 -18.88 7.51
CA GLU B 203 5.86 -18.74 8.96
C GLU B 203 5.96 -17.28 9.35
N LEU B 204 5.17 -16.91 10.36
CA LEU B 204 5.27 -15.60 10.96
CA LEU B 204 5.28 -15.59 10.93
C LEU B 204 6.54 -15.52 11.79
N LEU B 205 7.39 -14.55 11.50
CA LEU B 205 8.62 -14.39 12.27
C LEU B 205 8.53 -13.34 13.35
N LEU B 206 7.84 -12.24 13.10
CA LEU B 206 7.79 -11.11 14.01
C LEU B 206 6.49 -10.34 13.75
N CYS B 207 5.78 -9.99 14.81
CA CYS B 207 4.61 -9.12 14.70
C CYS B 207 4.76 -8.04 15.73
N THR B 208 4.74 -6.78 15.31
CA THR B 208 4.96 -5.64 16.20
C THR B 208 3.82 -4.64 16.06
N ALA B 209 3.21 -4.28 17.18
CA ALA B 209 2.24 -3.20 17.24
C ALA B 209 2.99 -1.95 17.68
N TYR B 210 2.76 -0.86 16.96
CA TYR B 210 3.37 0.43 17.25
C TYR B 210 2.32 1.45 17.67
N VAL B 211 2.56 2.13 18.79
CA VAL B 211 1.72 3.26 19.20
C VAL B 211 2.58 4.48 19.44
N PHE B 212 1.94 5.66 19.41
CA PHE B 212 2.70 6.90 19.24
C PHE B 212 2.19 7.99 20.14
N GLU B 213 3.13 8.77 20.68
CA GLU B 213 2.88 10.06 21.31
C GLU B 213 4.00 10.98 20.89
N VAL B 214 3.88 12.26 21.20
CA VAL B 214 4.92 13.22 20.87
CA VAL B 214 4.93 13.21 20.87
C VAL B 214 5.65 13.57 22.15
N SER B 215 6.96 13.69 22.05
CA SER B 215 7.77 14.11 23.17
C SER B 215 7.85 15.64 23.22
N THR B 216 8.22 16.17 24.39
CA THR B 216 8.55 17.58 24.49
C THR B 216 9.87 17.85 23.78
N SER B 217 10.14 19.14 23.54
CA SER B 217 11.31 19.53 22.75
C SER B 217 12.61 19.16 23.46
N GLU B 218 12.69 19.45 24.75
CA GLU B 218 13.93 19.24 25.49
C GLU B 218 14.20 17.77 25.72
N ARG B 219 13.19 16.92 25.57
CA ARG B 219 13.37 15.54 25.99
C ARG B 219 13.79 14.62 24.84
N GLY B 220 13.37 14.87 23.62
CA GLY B 220 13.81 14.07 22.50
C GLY B 220 13.16 12.70 22.48
N ALA B 221 13.41 11.99 21.39
CA ALA B 221 12.69 10.75 21.09
C ALA B 221 13.02 9.64 22.10
N GLN B 222 12.08 8.72 22.26
CA GLN B 222 12.22 7.64 23.22
C GLN B 222 11.33 6.51 22.71
N HIS B 223 11.68 5.27 23.08
CA HIS B 223 10.81 4.13 22.80
C HIS B 223 10.96 3.13 23.93
N HIS B 224 9.89 2.35 24.18
CA HIS B 224 9.94 1.18 25.04
C HIS B 224 9.34 0.01 24.28
N ILE B 225 9.89 -1.17 24.52
CA ILE B 225 9.49 -2.38 23.84
C ILE B 225 8.92 -3.31 24.89
N TYR B 226 7.82 -3.98 24.56
CA TYR B 226 7.19 -4.89 25.51
C TYR B 226 6.83 -6.19 24.83
N ARG B 227 6.97 -7.29 25.55
CA ARG B 227 6.45 -8.55 25.06
C ARG B 227 4.93 -8.55 25.20
N LEU B 228 4.23 -9.06 24.21
CA LEU B 228 2.78 -9.18 24.30
C LEU B 228 2.43 -10.57 24.78
N VAL B 229 1.65 -10.65 25.86
CA VAL B 229 1.30 -11.90 26.50
C VAL B 229 -0.21 -11.98 26.67
N ARG B 230 -0.70 -13.19 26.93
CA ARG B 230 -2.13 -13.41 27.15
C ARG B 230 -2.33 -14.48 28.22
#